data_1X9P
#
_entry.id   1X9P
#
_cell.length_a   435.984
_cell.length_b   300.168
_cell.length_c   420.621
_cell.angle_alpha   90.00
_cell.angle_beta   104.36
_cell.angle_gamma   90.00
#
_symmetry.space_group_name_H-M   'C 1 2 1'
#
loop_
_entity.id
_entity.type
_entity.pdbx_description
1 polymer 'Penton protein'
2 non-polymer 'SULFATE ION'
3 non-polymer N-DODECYL-N,N-DIMETHYL-3-AMMONIO-1-PROPANESULFONATE
#
_entity_poly.entity_id   1
_entity_poly.type   'polypeptide(L)'
_entity_poly.pdbx_seq_one_letter_code
;TGGRNSIRYSELAPLFDTTRVYLVDNKSTDVASLNYQNDHSNFLTTVIQNNDYSPGEASTQTINLDDRSHWGGDLKTILH
TNMPNVNEFMFTNKFKARVMVSRSLTKDKQVELKYEWVEFTLPEGNYSETMTIDLMNNAIVEHYLKVGRQNGVLESDIGV
KFDTRNFRLGFDPVTGLVMPGVYTNEAFHPDIILLPGCGVDFTHSRLSNLLGIRKRQPFQEGFRITYDDLEGGNIPALLD
VDAYQASLKDDTEQGGDGAGGGNNSGSGAEENSNAAAAAMQPVEDMNDHAIRGDTFATRAEEKRAEAEAAAEAAAPAAQP
EVEKPQKKPVIKPLTEDSKKRSYNLISNDSTFTQYRSWYLAYNYGDPQTGIRSWTLLCTPDVTCGSEQVYWSLPDMMQDP
VTFRSTSQISNFPVVGAELLPVHSKSFYNDQAVYSQLIRQFTSLTHVFNRFPENQILARPPAPTITTVSENVPALTDHGT
LPLRNSIGGVQRVTITDARRRTCPYVYKALGIVSPRVLSSRTF
;
_entity_poly.pdbx_strand_id   A
#
# COMPACT_ATOMS: atom_id res chain seq x y z
N THR A 1 -29.33 -42.19 9.80
CA THR A 1 -30.44 -41.49 9.10
C THR A 1 -31.85 -41.88 9.61
N GLY A 2 -32.40 -43.01 9.16
CA GLY A 2 -33.73 -43.45 9.61
C GLY A 2 -34.67 -42.44 10.27
N GLY A 3 -34.73 -42.41 11.60
CA GLY A 3 -35.61 -41.48 12.28
C GLY A 3 -34.95 -40.15 12.61
N ARG A 4 -33.63 -40.10 12.40
CA ARG A 4 -32.81 -38.95 12.69
C ARG A 4 -32.82 -37.79 11.69
N ASN A 5 -33.55 -37.89 10.58
CA ASN A 5 -33.55 -36.79 9.60
C ASN A 5 -34.43 -35.63 9.96
N SER A 6 -35.71 -35.83 9.84
CA SER A 6 -36.68 -34.80 10.15
C SER A 6 -36.14 -33.41 10.44
N ILE A 7 -36.43 -32.48 9.55
CA ILE A 7 -36.06 -31.08 9.71
C ILE A 7 -37.43 -30.48 9.81
N ARG A 8 -37.79 -29.96 10.98
CA ARG A 8 -39.14 -29.44 11.16
C ARG A 8 -39.26 -27.96 11.39
N TYR A 9 -40.43 -27.45 11.04
CA TYR A 9 -40.77 -26.05 11.19
C TYR A 9 -42.20 -26.02 11.74
N SER A 10 -42.70 -24.86 12.18
CA SER A 10 -44.08 -24.80 12.70
C SER A 10 -45.05 -25.34 11.65
N GLU A 11 -45.89 -26.28 12.02
CA GLU A 11 -46.91 -26.81 11.11
C GLU A 11 -46.64 -26.92 9.60
N LEU A 12 -45.63 -26.27 9.04
CA LEU A 12 -45.42 -26.36 7.61
C LEU A 12 -45.10 -27.75 7.03
N ALA A 13 -45.04 -28.76 7.88
CA ALA A 13 -44.72 -30.15 7.46
C ALA A 13 -43.26 -30.56 7.55
N PRO A 14 -42.99 -31.88 7.56
CA PRO A 14 -41.70 -32.55 7.66
C PRO A 14 -40.93 -32.44 6.35
N LEU A 15 -39.68 -32.06 6.47
CA LEU A 15 -38.81 -31.97 5.32
C LEU A 15 -37.77 -33.00 5.72
N PHE A 16 -37.27 -33.81 4.80
CA PHE A 16 -36.27 -34.83 5.15
C PHE A 16 -34.91 -34.72 4.50
N ASP A 17 -33.88 -34.85 5.32
CA ASP A 17 -32.47 -34.74 4.92
C ASP A 17 -32.12 -33.31 4.52
N THR A 18 -30.86 -33.07 4.18
CA THR A 18 -30.43 -31.72 3.79
C THR A 18 -31.50 -30.88 3.08
N THR A 19 -31.46 -29.57 3.34
CA THR A 19 -32.34 -28.59 2.72
C THR A 19 -31.53 -27.31 2.63
N ARG A 20 -32.16 -26.14 2.70
CA ARG A 20 -31.38 -24.91 2.62
C ARG A 20 -31.94 -23.72 3.37
N VAL A 21 -31.11 -23.10 4.20
CA VAL A 21 -31.55 -21.93 4.93
C VAL A 21 -30.77 -20.79 4.31
N TYR A 22 -31.36 -19.60 4.19
CA TYR A 22 -30.65 -18.49 3.58
C TYR A 22 -30.38 -17.26 4.43
N LEU A 23 -29.12 -16.83 4.44
CA LEU A 23 -28.68 -15.67 5.17
C LEU A 23 -28.53 -14.52 4.19
N VAL A 24 -29.51 -13.62 4.12
CA VAL A 24 -29.44 -12.49 3.19
C VAL A 24 -29.76 -11.13 3.81
N ASP A 25 -29.05 -10.11 3.36
CA ASP A 25 -29.17 -8.75 3.85
C ASP A 25 -30.25 -7.93 3.14
N ASN A 26 -30.17 -7.93 1.82
CA ASN A 26 -31.09 -7.19 0.96
C ASN A 26 -32.59 -7.52 1.15
N LYS A 27 -32.92 -8.40 2.11
CA LYS A 27 -34.32 -8.76 2.33
C LYS A 27 -35.05 -7.52 2.86
N SER A 28 -36.00 -7.04 2.06
CA SER A 28 -36.77 -5.82 2.32
C SER A 28 -37.48 -5.62 3.66
N THR A 29 -38.25 -6.61 4.08
CA THR A 29 -38.97 -6.47 5.34
C THR A 29 -38.00 -6.28 6.50
N ASP A 30 -36.87 -7.01 6.45
CA ASP A 30 -35.85 -6.99 7.50
C ASP A 30 -35.24 -5.61 7.74
N VAL A 31 -34.64 -5.08 6.68
CA VAL A 31 -33.98 -3.78 6.72
C VAL A 31 -34.73 -2.79 7.60
N ALA A 32 -35.85 -2.34 7.06
CA ALA A 32 -36.72 -1.39 7.72
C ALA A 32 -36.87 -1.63 9.23
N SER A 33 -37.09 -2.89 9.61
CA SER A 33 -37.33 -3.22 11.00
C SER A 33 -36.19 -3.64 11.93
N LEU A 34 -35.15 -4.27 11.42
CA LEU A 34 -34.11 -4.74 12.33
C LEU A 34 -32.75 -4.06 12.29
N ASN A 35 -32.08 -4.20 11.16
CA ASN A 35 -30.75 -3.64 11.02
C ASN A 35 -30.74 -2.24 10.45
N TYR A 36 -31.58 -1.37 10.98
CA TYR A 36 -31.62 0.02 10.51
C TYR A 36 -30.29 0.70 10.80
N GLN A 37 -29.88 0.62 12.06
CA GLN A 37 -28.64 1.23 12.50
C GLN A 37 -27.38 0.46 12.16
N ASN A 38 -27.51 -0.71 11.55
CA ASN A 38 -26.34 -1.51 11.21
C ASN A 38 -25.89 -1.34 9.78
N ASP A 39 -24.85 -2.08 9.43
CA ASP A 39 -24.30 -2.04 8.08
C ASP A 39 -24.00 -3.44 7.56
N HIS A 40 -23.76 -3.52 6.26
CA HIS A 40 -23.50 -4.80 5.64
C HIS A 40 -22.48 -5.71 6.27
N SER A 41 -21.63 -5.21 7.13
CA SER A 41 -20.64 -6.06 7.73
C SER A 41 -21.05 -6.59 9.08
N ASN A 42 -22.28 -6.31 9.48
CA ASN A 42 -22.78 -6.76 10.77
C ASN A 42 -24.26 -6.48 10.86
N PHE A 43 -25.07 -7.42 10.39
CA PHE A 43 -26.52 -7.23 10.36
C PHE A 43 -27.33 -8.39 10.86
N LEU A 44 -28.64 -8.20 10.87
CA LEU A 44 -29.53 -9.25 11.32
C LEU A 44 -30.36 -9.67 10.16
N THR A 45 -30.72 -10.94 10.11
CA THR A 45 -31.55 -11.45 9.03
C THR A 45 -32.56 -12.38 9.61
N THR A 46 -33.72 -12.40 8.99
CA THR A 46 -34.75 -13.31 9.41
C THR A 46 -34.48 -14.47 8.46
N VAL A 47 -34.23 -15.65 9.01
CA VAL A 47 -33.93 -16.83 8.21
C VAL A 47 -35.23 -17.56 7.84
N ILE A 48 -36.32 -17.19 8.51
CA ILE A 48 -37.63 -17.75 8.23
C ILE A 48 -38.14 -17.05 7.00
N GLN A 49 -38.18 -17.75 5.87
CA GLN A 49 -38.64 -17.14 4.64
C GLN A 49 -40.15 -17.32 4.43
N ASN A 50 -40.94 -17.23 5.49
CA ASN A 50 -42.38 -17.40 5.36
C ASN A 50 -43.13 -16.09 5.31
N ASN A 51 -43.65 -15.84 4.13
CA ASN A 51 -44.43 -14.67 3.78
C ASN A 51 -45.43 -14.14 4.82
N ASP A 52 -46.04 -15.02 5.61
CA ASP A 52 -47.07 -14.59 6.56
C ASP A 52 -46.69 -14.11 7.94
N TYR A 53 -45.43 -14.05 8.33
CA TYR A 53 -45.21 -13.59 9.69
C TYR A 53 -44.40 -12.32 9.81
N SER A 54 -44.64 -11.56 10.88
CA SER A 54 -43.91 -10.32 11.13
C SER A 54 -42.45 -10.72 11.24
N PRO A 55 -41.53 -9.75 11.15
CA PRO A 55 -40.15 -10.19 11.27
C PRO A 55 -40.00 -10.50 12.73
N GLY A 56 -40.54 -9.61 13.55
CA GLY A 56 -40.47 -9.83 14.98
C GLY A 56 -41.04 -11.19 15.29
N GLU A 57 -42.31 -11.38 14.94
CA GLU A 57 -42.96 -12.65 15.19
C GLU A 57 -42.11 -13.85 14.75
N ALA A 58 -41.53 -13.74 13.56
CA ALA A 58 -40.71 -14.81 13.02
C ALA A 58 -39.55 -15.11 13.94
N SER A 59 -38.96 -14.05 14.48
CA SER A 59 -37.83 -14.17 15.38
C SER A 59 -38.13 -15.13 16.51
N THR A 60 -39.39 -15.52 16.63
CA THR A 60 -39.79 -16.46 17.67
C THR A 60 -39.66 -17.88 17.17
N GLN A 61 -40.33 -18.17 16.06
CA GLN A 61 -40.32 -19.49 15.46
C GLN A 61 -38.91 -20.02 15.27
N THR A 62 -38.80 -21.33 15.02
CA THR A 62 -37.49 -21.93 14.85
C THR A 62 -37.43 -23.12 13.91
N ILE A 63 -36.29 -23.28 13.27
CA ILE A 63 -36.06 -24.38 12.38
C ILE A 63 -35.47 -25.42 13.31
N ASN A 64 -36.04 -26.61 13.33
CA ASN A 64 -35.52 -27.65 14.21
C ASN A 64 -34.89 -28.80 13.48
N LEU A 65 -33.57 -28.87 13.51
CA LEU A 65 -32.92 -30.01 12.87
C LEU A 65 -33.20 -31.12 13.85
N ASP A 66 -33.42 -32.33 13.37
CA ASP A 66 -33.76 -33.38 14.32
C ASP A 66 -32.80 -33.48 15.47
N ASP A 67 -33.40 -33.68 16.62
CA ASP A 67 -32.70 -33.78 17.87
C ASP A 67 -31.79 -34.98 18.02
N ARG A 68 -32.21 -36.12 17.51
CA ARG A 68 -31.44 -37.33 17.63
C ARG A 68 -30.10 -37.37 16.89
N SER A 69 -29.79 -36.36 16.09
CA SER A 69 -28.52 -36.39 15.38
C SER A 69 -27.73 -35.12 15.46
N HIS A 70 -26.41 -35.23 15.41
CA HIS A 70 -25.56 -34.03 15.42
C HIS A 70 -25.60 -33.60 13.96
N TRP A 71 -25.98 -32.35 13.69
CA TRP A 71 -26.04 -31.90 12.31
C TRP A 71 -24.88 -31.03 11.90
N GLY A 72 -24.75 -30.85 10.60
CA GLY A 72 -23.71 -29.99 10.08
C GLY A 72 -24.27 -29.33 8.85
N GLY A 73 -23.69 -28.20 8.44
CA GLY A 73 -24.17 -27.51 7.25
C GLY A 73 -23.03 -27.04 6.37
N ASP A 74 -23.28 -26.91 5.08
CA ASP A 74 -22.24 -26.43 4.19
C ASP A 74 -22.47 -24.97 4.03
N LEU A 75 -21.43 -24.20 4.26
CA LEU A 75 -21.54 -22.77 4.19
C LEU A 75 -20.86 -22.18 3.00
N LYS A 76 -21.63 -21.76 2.02
CA LYS A 76 -21.05 -21.14 0.85
C LYS A 76 -21.40 -19.69 1.01
N THR A 77 -20.52 -18.82 0.55
CA THR A 77 -20.81 -17.43 0.73
C THR A 77 -20.35 -16.54 -0.40
N ILE A 78 -21.02 -15.41 -0.55
CA ILE A 78 -20.70 -14.47 -1.60
C ILE A 78 -20.35 -13.16 -0.96
N LEU A 79 -19.08 -12.79 -0.99
CA LEU A 79 -18.68 -11.53 -0.39
C LEU A 79 -18.25 -10.56 -1.46
N HIS A 80 -18.69 -9.31 -1.34
CA HIS A 80 -18.33 -8.29 -2.33
C HIS A 80 -18.07 -6.94 -1.70
N THR A 81 -16.85 -6.44 -1.88
CA THR A 81 -16.51 -5.15 -1.30
C THR A 81 -16.32 -4.07 -2.32
N ASN A 82 -15.60 -3.02 -1.93
CA ASN A 82 -15.36 -1.87 -2.80
C ASN A 82 -14.43 -0.90 -2.07
N MET A 83 -13.61 -1.44 -1.19
CA MET A 83 -12.66 -0.65 -0.44
C MET A 83 -11.68 -0.02 -1.43
N PRO A 84 -11.26 1.24 -1.17
CA PRO A 84 -10.32 1.94 -2.05
C PRO A 84 -8.89 1.65 -1.68
N ASN A 85 -8.00 2.00 -2.60
CA ASN A 85 -6.56 1.81 -2.43
C ASN A 85 -6.11 2.40 -1.08
N VAL A 86 -6.13 3.73 -1.00
CA VAL A 86 -5.72 4.43 0.20
C VAL A 86 -6.92 4.90 0.99
N ASN A 87 -6.83 4.79 2.30
CA ASN A 87 -7.89 5.25 3.17
C ASN A 87 -7.52 5.12 4.63
N GLU A 88 -8.26 5.83 5.45
CA GLU A 88 -8.06 5.80 6.87
C GLU A 88 -8.92 4.65 7.36
N PHE A 89 -8.28 3.54 7.68
CA PHE A 89 -8.99 2.40 8.19
C PHE A 89 -7.97 1.36 7.96
N MET A 90 -7.50 1.30 6.73
CA MET A 90 -6.49 0.33 6.41
C MET A 90 -5.12 0.94 6.62
N PHE A 91 -5.13 2.16 7.15
CA PHE A 91 -3.89 2.88 7.39
C PHE A 91 -3.08 2.99 6.14
N THR A 92 -3.63 3.65 5.14
CA THR A 92 -2.93 3.84 3.88
C THR A 92 -3.05 5.29 3.48
N ASN A 93 -3.43 6.13 4.44
CA ASN A 93 -3.58 7.54 4.16
C ASN A 93 -2.71 8.36 5.09
N LYS A 94 -1.82 7.71 5.83
CA LYS A 94 -0.96 8.45 6.74
C LYS A 94 0.43 7.87 6.70
N PHE A 95 1.42 8.69 7.04
CA PHE A 95 2.80 8.23 7.06
C PHE A 95 3.64 9.36 7.61
N LYS A 96 4.42 9.02 8.63
CA LYS A 96 5.29 10.00 9.27
C LYS A 96 6.62 10.10 8.58
N ALA A 97 7.07 11.33 8.39
CA ALA A 97 8.34 11.62 7.76
C ALA A 97 8.94 12.78 8.54
N ARG A 98 10.27 12.87 8.52
CA ARG A 98 10.98 13.92 9.22
C ARG A 98 11.56 14.89 8.20
N VAL A 99 11.15 16.16 8.26
CA VAL A 99 11.65 17.12 7.28
C VAL A 99 12.25 18.37 7.86
N MET A 100 12.83 19.20 6.99
CA MET A 100 13.41 20.46 7.43
C MET A 100 12.23 21.38 7.67
N VAL A 101 12.25 22.09 8.78
CA VAL A 101 11.14 22.97 9.12
C VAL A 101 11.60 24.39 9.46
N SER A 102 12.91 24.58 9.55
CA SER A 102 13.45 25.90 9.89
C SER A 102 14.92 26.10 9.55
N ARG A 103 15.23 27.27 9.02
CA ARG A 103 16.59 27.57 8.65
C ARG A 103 16.88 29.04 8.92
N SER A 104 17.66 29.30 9.95
CA SER A 104 18.01 30.67 10.34
C SER A 104 19.47 30.73 10.76
N LEU A 105 20.10 31.89 10.49
CA LEU A 105 21.54 32.16 10.79
C LEU A 105 21.70 32.36 12.32
N THR A 106 22.01 31.29 13.04
CA THR A 106 22.09 31.44 14.49
C THR A 106 22.87 32.67 14.97
N LYS A 107 22.57 33.04 16.20
CA LYS A 107 23.11 34.19 16.95
C LYS A 107 24.56 34.63 16.75
N ASP A 108 25.51 33.70 16.55
CA ASP A 108 26.88 34.16 16.39
C ASP A 108 27.26 34.43 14.92
N LYS A 109 27.31 33.37 14.12
CA LYS A 109 27.64 33.43 12.69
C LYS A 109 27.52 32.02 12.12
N GLN A 110 27.31 31.07 13.04
CA GLN A 110 27.10 29.68 12.69
C GLN A 110 25.64 29.59 12.42
N VAL A 111 25.19 28.46 11.91
CA VAL A 111 23.81 28.38 11.57
C VAL A 111 23.04 27.28 12.25
N GLU A 112 21.72 27.40 12.11
CA GLU A 112 20.84 26.47 12.73
C GLU A 112 19.86 25.83 11.76
N LEU A 113 19.80 24.51 11.89
CA LEU A 113 18.92 23.70 11.08
C LEU A 113 18.18 22.82 12.07
N LYS A 114 16.88 23.05 12.20
CA LYS A 114 16.07 22.25 13.10
C LYS A 114 15.12 21.45 12.24
N TYR A 115 14.96 20.17 12.59
CA TYR A 115 14.09 19.27 11.86
C TYR A 115 12.99 18.76 12.77
N GLU A 116 11.94 18.21 12.18
CA GLU A 116 10.85 17.68 12.98
C GLU A 116 10.06 16.61 12.21
N TRP A 117 9.37 15.74 12.95
CA TRP A 117 8.56 14.68 12.36
C TRP A 117 7.14 15.18 12.24
N VAL A 118 6.56 15.01 11.08
CA VAL A 118 5.24 15.51 10.83
C VAL A 118 4.50 14.39 10.16
N GLU A 119 3.21 14.32 10.38
CA GLU A 119 2.41 13.29 9.78
C GLU A 119 1.66 13.87 8.61
N PHE A 120 1.84 13.31 7.44
CA PHE A 120 1.14 13.85 6.31
C PHE A 120 0.05 12.89 5.96
N THR A 121 -1.09 13.44 5.55
CA THR A 121 -2.19 12.58 5.17
C THR A 121 -2.66 12.80 3.74
N LEU A 122 -3.07 11.72 3.08
CA LEU A 122 -3.56 11.81 1.74
C LEU A 122 -5.02 11.97 1.63
N PRO A 123 -5.50 12.49 0.50
CA PRO A 123 -6.93 12.65 0.30
C PRO A 123 -7.39 11.22 0.01
N GLU A 124 -8.40 10.74 0.71
CA GLU A 124 -8.83 9.37 0.47
C GLU A 124 -9.25 9.15 -0.98
N GLY A 125 -8.97 7.96 -1.51
CA GLY A 125 -9.34 7.67 -2.88
C GLY A 125 -8.66 6.41 -3.36
N ASN A 126 -9.04 5.91 -4.53
CA ASN A 126 -8.41 4.71 -5.06
C ASN A 126 -7.41 5.17 -6.10
N TYR A 127 -6.13 4.84 -5.89
CA TYR A 127 -5.10 5.28 -6.81
C TYR A 127 -4.33 4.25 -7.57
N SER A 128 -3.32 4.78 -8.24
CA SER A 128 -2.40 4.01 -9.05
C SER A 128 -1.23 3.71 -8.16
N GLU A 129 -0.33 2.92 -8.70
CA GLU A 129 0.86 2.56 -7.98
C GLU A 129 1.71 3.80 -7.90
N THR A 130 1.67 4.57 -8.97
CA THR A 130 2.45 5.80 -9.08
C THR A 130 1.79 7.01 -8.47
N MET A 131 0.67 7.43 -9.07
CA MET A 131 -0.03 8.60 -8.58
C MET A 131 -0.08 8.64 -7.07
N THR A 132 0.01 7.48 -6.45
CA THR A 132 0.00 7.42 -5.00
C THR A 132 1.29 8.07 -4.57
N ILE A 133 2.41 7.54 -5.04
CA ILE A 133 3.72 8.10 -4.75
C ILE A 133 3.58 9.61 -4.84
N ASP A 134 3.26 10.07 -6.04
CA ASP A 134 3.09 11.50 -6.31
C ASP A 134 2.32 12.18 -5.21
N LEU A 135 1.16 11.64 -4.88
CA LEU A 135 0.35 12.22 -3.83
C LEU A 135 1.16 12.43 -2.56
N MET A 136 2.09 11.51 -2.29
CA MET A 136 2.94 11.59 -1.11
C MET A 136 3.95 12.72 -1.26
N ASN A 137 4.66 12.74 -2.38
CA ASN A 137 5.63 13.80 -2.61
C ASN A 137 4.92 15.13 -2.47
N ASN A 138 3.75 15.25 -3.09
CA ASN A 138 2.97 16.48 -3.00
C ASN A 138 2.72 16.80 -1.53
N ALA A 139 2.21 15.83 -0.79
CA ALA A 139 1.92 16.06 0.62
C ALA A 139 3.15 16.54 1.40
N ILE A 140 4.34 16.28 0.87
CA ILE A 140 5.58 16.72 1.51
C ILE A 140 5.73 18.20 1.24
N VAL A 141 5.55 18.54 -0.03
CA VAL A 141 5.63 19.91 -0.52
C VAL A 141 4.60 20.79 0.17
N GLU A 142 3.34 20.38 0.06
CA GLU A 142 2.22 21.10 0.64
C GLU A 142 2.56 21.56 2.05
N HIS A 143 3.42 20.80 2.72
CA HIS A 143 3.81 21.15 4.07
C HIS A 143 4.91 22.20 4.01
N TYR A 144 5.88 21.99 3.13
CA TYR A 144 6.97 22.94 2.97
C TYR A 144 6.38 24.33 2.79
N LEU A 145 5.18 24.41 2.23
CA LEU A 145 4.54 25.70 2.04
C LEU A 145 3.99 26.25 3.32
N LYS A 146 3.08 25.54 3.96
CA LYS A 146 2.51 26.04 5.20
C LYS A 146 3.57 26.33 6.25
N VAL A 147 4.78 25.81 6.07
CA VAL A 147 5.83 26.05 7.06
C VAL A 147 7.23 26.29 6.50
N GLY A 148 7.85 25.22 6.03
CA GLY A 148 9.20 25.30 5.49
C GLY A 148 9.70 26.63 4.98
N ARG A 149 9.44 26.92 3.70
CA ARG A 149 9.90 28.15 3.04
C ARG A 149 9.86 29.38 3.93
N GLN A 150 8.68 29.68 4.44
CA GLN A 150 8.47 30.83 5.28
C GLN A 150 9.23 30.73 6.60
N ASN A 151 10.46 30.24 6.53
CA ASN A 151 11.32 30.09 7.69
C ASN A 151 12.72 29.71 7.22
N GLY A 152 13.15 30.36 6.15
CA GLY A 152 14.48 30.16 5.59
C GLY A 152 14.77 28.83 4.92
N VAL A 153 13.74 28.06 4.62
CA VAL A 153 13.95 26.77 3.98
C VAL A 153 13.81 26.86 2.47
N LEU A 154 14.88 26.52 1.75
CA LEU A 154 14.86 26.59 0.29
C LEU A 154 14.58 25.25 -0.31
N GLU A 155 13.70 25.19 -1.29
CA GLU A 155 13.41 23.93 -1.94
C GLU A 155 14.73 23.18 -2.15
N SER A 156 15.78 23.95 -2.42
CA SER A 156 17.12 23.40 -2.63
C SER A 156 17.54 22.49 -1.46
N ASP A 157 16.67 22.30 -0.49
CA ASP A 157 17.00 21.46 0.65
C ASP A 157 15.82 20.72 1.27
N ILE A 158 14.77 20.47 0.49
CA ILE A 158 13.65 19.73 1.03
C ILE A 158 14.20 18.33 1.26
N GLY A 159 14.06 17.85 2.50
CA GLY A 159 14.56 16.55 2.95
C GLY A 159 14.14 15.16 2.41
N VAL A 160 12.87 14.92 2.08
CA VAL A 160 12.42 13.61 1.58
C VAL A 160 11.68 13.63 0.24
N LYS A 161 12.02 12.65 -0.57
CA LYS A 161 11.41 12.48 -1.87
C LYS A 161 11.28 11.03 -2.21
N PHE A 162 10.13 10.66 -2.79
CA PHE A 162 9.90 9.29 -3.18
C PHE A 162 9.96 9.34 -4.69
N ASP A 163 10.97 8.73 -5.29
CA ASP A 163 11.15 8.81 -6.73
C ASP A 163 11.03 7.38 -7.25
N THR A 164 11.83 6.97 -8.24
CA THR A 164 11.73 5.60 -8.77
C THR A 164 12.83 5.21 -9.75
N ARG A 165 13.92 5.95 -9.81
CA ARG A 165 14.96 5.58 -10.76
C ARG A 165 16.27 5.21 -10.10
N ASN A 166 17.12 4.55 -10.89
CA ASN A 166 18.42 4.13 -10.43
C ASN A 166 19.33 5.30 -10.61
N PHE A 167 19.47 6.09 -9.56
CA PHE A 167 20.30 7.27 -9.63
C PHE A 167 21.77 7.04 -9.84
N ARG A 168 22.14 6.13 -10.72
CA ARG A 168 23.56 5.95 -10.97
C ARG A 168 23.82 4.97 -12.08
N LEU A 169 23.11 5.18 -13.16
CA LEU A 169 23.29 4.33 -14.32
C LEU A 169 24.36 4.92 -15.21
N GLY A 170 24.22 6.20 -15.53
CA GLY A 170 25.22 6.84 -16.38
C GLY A 170 26.61 6.89 -15.76
N PHE A 171 26.66 6.73 -14.43
CA PHE A 171 27.92 6.76 -13.70
C PHE A 171 29.11 6.14 -14.41
N ASP A 172 30.24 6.84 -14.32
CA ASP A 172 31.49 6.40 -14.93
C ASP A 172 32.50 6.12 -13.81
N PRO A 173 32.95 4.87 -13.73
CA PRO A 173 33.90 4.37 -12.72
C PRO A 173 35.10 5.25 -12.40
N VAL A 174 35.57 6.01 -13.39
CA VAL A 174 36.74 6.85 -13.18
C VAL A 174 36.45 8.33 -12.93
N THR A 175 35.63 8.93 -13.79
CA THR A 175 35.31 10.33 -13.62
C THR A 175 34.53 10.55 -12.33
N GLY A 176 33.95 9.48 -11.79
CA GLY A 176 33.17 9.59 -10.57
C GLY A 176 31.91 10.40 -10.80
N LEU A 177 31.42 10.38 -12.03
CA LEU A 177 30.22 11.15 -12.38
C LEU A 177 29.24 10.49 -13.30
N VAL A 178 28.02 11.01 -13.28
CA VAL A 178 26.96 10.50 -14.15
C VAL A 178 27.18 11.21 -15.48
N MET A 179 28.20 10.75 -16.20
CA MET A 179 28.59 11.35 -17.47
C MET A 179 27.57 12.05 -18.35
N PRO A 180 26.49 11.37 -18.76
CA PRO A 180 25.49 12.02 -19.61
C PRO A 180 24.89 13.31 -19.07
N GLY A 181 25.33 13.72 -17.89
CA GLY A 181 24.84 14.96 -17.29
C GLY A 181 23.38 14.95 -16.88
N VAL A 182 22.76 13.77 -16.96
CA VAL A 182 21.35 13.63 -16.59
C VAL A 182 21.10 12.24 -16.01
N TYR A 183 20.50 12.17 -14.83
CA TYR A 183 20.20 10.87 -14.24
C TYR A 183 19.16 10.24 -15.17
N THR A 184 19.57 9.16 -15.83
CA THR A 184 18.69 8.45 -16.77
C THR A 184 17.35 8.11 -16.13
N ASN A 185 16.32 8.89 -16.48
CA ASN A 185 14.98 8.76 -15.90
C ASN A 185 14.11 7.52 -16.15
N GLU A 186 14.69 6.33 -16.11
CA GLU A 186 13.86 5.14 -16.31
C GLU A 186 13.42 4.63 -14.95
N ALA A 187 12.22 4.06 -14.88
CA ALA A 187 11.68 3.56 -13.62
C ALA A 187 12.19 2.17 -13.22
N PHE A 188 12.66 2.02 -11.98
CA PHE A 188 13.15 0.74 -11.47
C PHE A 188 12.81 0.61 -9.98
N HIS A 189 11.54 0.35 -9.65
CA HIS A 189 11.13 0.20 -8.25
C HIS A 189 11.09 1.50 -7.40
N PRO A 190 10.03 1.69 -6.62
CA PRO A 190 9.81 2.86 -5.76
C PRO A 190 11.05 3.04 -4.97
N ASP A 191 11.43 4.27 -4.58
CA ASP A 191 12.64 4.35 -3.74
C ASP A 191 12.40 5.43 -2.74
N ILE A 192 13.39 5.71 -1.92
CA ILE A 192 13.25 6.78 -0.98
C ILE A 192 14.53 7.54 -1.01
N ILE A 193 14.44 8.85 -1.26
CA ILE A 193 15.61 9.70 -1.29
C ILE A 193 15.58 10.67 -0.13
N LEU A 194 16.58 10.55 0.71
CA LEU A 194 16.68 11.40 1.88
C LEU A 194 17.77 12.43 1.79
N LEU A 195 17.87 13.22 2.85
CA LEU A 195 18.87 14.25 2.96
C LEU A 195 19.46 14.17 4.34
N PRO A 196 20.51 14.94 4.60
CA PRO A 196 21.07 14.85 5.94
C PRO A 196 20.04 15.28 6.98
N GLY A 197 20.11 14.68 8.15
CA GLY A 197 19.21 15.07 9.23
C GLY A 197 17.74 14.72 9.12
N CYS A 198 17.36 13.82 8.23
CA CYS A 198 15.97 13.47 8.18
C CYS A 198 15.72 12.06 7.69
N GLY A 199 14.45 11.67 7.65
CA GLY A 199 14.11 10.33 7.21
C GLY A 199 12.61 10.10 7.27
N VAL A 200 12.20 8.85 7.15
CA VAL A 200 10.79 8.54 7.19
C VAL A 200 10.49 7.31 8.01
N ASP A 201 9.30 7.27 8.56
CA ASP A 201 8.88 6.16 9.39
C ASP A 201 7.51 5.68 8.91
N PHE A 202 7.34 4.37 8.84
CA PHE A 202 6.08 3.80 8.40
C PHE A 202 5.46 2.96 9.49
N THR A 203 6.04 3.06 10.68
CA THR A 203 5.58 2.33 11.85
C THR A 203 4.07 2.14 11.90
N HIS A 204 3.32 3.06 11.32
CA HIS A 204 1.87 2.96 11.33
C HIS A 204 1.26 3.19 9.95
N SER A 205 1.76 2.45 8.97
CA SER A 205 1.24 2.60 7.62
C SER A 205 1.61 1.45 6.74
N ARG A 206 0.66 1.01 5.95
CA ARG A 206 0.89 -0.09 5.05
C ARG A 206 1.47 0.44 3.75
N LEU A 207 1.53 1.77 3.63
CA LEU A 207 2.06 2.37 2.42
C LEU A 207 3.43 1.81 2.15
N SER A 208 4.12 1.40 3.21
CA SER A 208 5.44 0.83 3.05
C SER A 208 5.39 -0.22 1.96
N ASN A 209 4.41 -1.09 2.07
CA ASN A 209 4.21 -2.17 1.11
C ASN A 209 3.99 -1.65 -0.28
N LEU A 210 3.27 -0.54 -0.40
CA LEU A 210 3.04 0.03 -1.71
C LEU A 210 4.39 0.33 -2.33
N LEU A 211 5.29 0.93 -1.55
CA LEU A 211 6.63 1.23 -2.05
C LEU A 211 7.34 -0.09 -2.35
N GLY A 212 7.17 -1.06 -1.47
CA GLY A 212 7.83 -2.33 -1.71
C GLY A 212 9.15 -2.41 -0.99
N ILE A 213 9.21 -1.77 0.16
CA ILE A 213 10.41 -1.77 0.99
C ILE A 213 9.92 -2.46 2.26
N ARG A 214 10.17 -3.75 2.38
CA ARG A 214 9.72 -4.49 3.55
C ARG A 214 10.86 -4.76 4.51
N LYS A 215 10.52 -4.79 5.78
CA LYS A 215 11.47 -5.04 6.86
C LYS A 215 11.87 -6.51 6.77
N ARG A 216 13.15 -6.79 6.84
CA ARG A 216 13.61 -8.18 6.73
C ARG A 216 13.13 -9.12 7.83
N GLN A 217 12.56 -8.60 8.90
CA GLN A 217 12.04 -9.47 9.95
C GLN A 217 10.88 -8.81 10.67
N PRO A 218 9.82 -8.56 9.91
CA PRO A 218 8.52 -7.94 10.18
C PRO A 218 7.96 -7.91 11.57
N PHE A 219 7.95 -9.04 12.27
CA PHE A 219 7.37 -9.03 13.59
C PHE A 219 8.05 -8.09 14.61
N GLN A 220 8.72 -7.06 14.10
CA GLN A 220 9.39 -6.09 14.96
C GLN A 220 8.62 -4.79 14.92
N GLU A 221 7.82 -4.52 15.94
CA GLU A 221 7.09 -3.26 15.88
C GLU A 221 8.05 -2.12 15.62
N GLY A 222 7.72 -1.28 14.64
CA GLY A 222 8.55 -0.13 14.31
C GLY A 222 9.25 -0.12 12.96
N PHE A 223 9.08 0.95 12.19
CA PHE A 223 9.74 1.04 10.89
C PHE A 223 10.28 2.42 10.58
N ARG A 224 11.47 2.70 11.08
CA ARG A 224 12.10 3.98 10.84
C ARG A 224 13.30 3.80 9.95
N ILE A 225 13.40 4.62 8.92
CA ILE A 225 14.52 4.53 8.02
C ILE A 225 15.03 5.97 7.85
N THR A 226 16.20 6.26 8.41
CA THR A 226 16.74 7.60 8.35
C THR A 226 17.99 7.73 7.50
N TYR A 227 18.51 8.94 7.44
CA TYR A 227 19.69 9.24 6.66
C TYR A 227 20.84 8.33 7.03
N ASP A 228 21.27 8.43 8.28
CA ASP A 228 22.37 7.63 8.79
C ASP A 228 22.27 6.15 8.39
N ASP A 229 21.05 5.67 8.16
CA ASP A 229 20.87 4.27 7.78
C ASP A 229 21.30 4.06 6.35
N LEU A 230 20.77 4.90 5.45
CA LEU A 230 21.14 4.81 4.05
C LEU A 230 22.60 5.18 3.94
N GLU A 231 23.49 4.24 4.20
CA GLU A 231 24.90 4.56 4.12
C GLU A 231 25.48 3.99 2.86
N GLY A 232 26.46 4.68 2.29
CA GLY A 232 27.06 4.20 1.07
C GLY A 232 25.97 4.14 0.03
N GLY A 233 25.96 5.10 -0.89
CA GLY A 233 24.91 5.11 -1.88
C GLY A 233 24.24 6.46 -1.89
N ASN A 234 25.06 7.50 -1.98
CA ASN A 234 24.56 8.86 -2.03
C ASN A 234 24.52 9.08 -3.54
N ILE A 235 23.48 9.74 -4.01
CA ILE A 235 23.39 9.98 -5.44
C ILE A 235 24.62 10.73 -5.99
N PRO A 236 25.34 10.12 -6.94
CA PRO A 236 26.51 10.76 -7.53
C PRO A 236 26.02 12.00 -8.26
N ALA A 237 26.90 12.96 -8.49
CA ALA A 237 26.51 14.20 -9.17
C ALA A 237 26.58 14.11 -10.69
N LEU A 238 25.72 14.89 -11.35
CA LEU A 238 25.70 14.92 -12.80
C LEU A 238 26.92 15.69 -13.28
N LEU A 239 27.57 15.20 -14.33
CA LEU A 239 28.74 15.90 -14.86
C LEU A 239 28.32 17.18 -15.59
N ASP A 240 29.17 18.20 -15.55
CA ASP A 240 28.84 19.45 -16.23
C ASP A 240 28.95 19.20 -17.72
N VAL A 241 27.80 19.13 -18.39
CA VAL A 241 27.77 18.88 -19.81
C VAL A 241 28.42 20.01 -20.61
N ASP A 242 27.99 21.24 -20.34
CA ASP A 242 28.52 22.42 -21.03
C ASP A 242 30.00 22.65 -20.81
N ALA A 243 30.40 22.79 -19.55
CA ALA A 243 31.80 23.02 -19.23
C ALA A 243 32.65 22.11 -20.11
N TYR A 244 32.27 20.84 -20.16
CA TYR A 244 32.98 19.86 -20.96
C TYR A 244 32.90 20.15 -22.45
N GLN A 245 31.69 20.30 -22.98
CA GLN A 245 31.49 20.60 -24.39
C GLN A 245 32.18 21.90 -24.79
N ALA A 246 31.89 22.96 -24.04
CA ALA A 246 32.46 24.28 -24.30
C ALA A 246 33.98 24.22 -24.38
N SER A 247 34.58 23.24 -23.73
CA SER A 247 36.02 23.11 -23.76
C SER A 247 36.49 22.33 -25.00
N LEU A 248 37.80 22.23 -25.14
CA LEU A 248 38.46 21.55 -26.26
C LEU A 248 38.78 22.51 -27.42
N LYS A 249 39.64 23.47 -27.09
CA LYS A 249 40.15 24.51 -27.99
C LYS A 249 41.63 24.68 -27.63
N ASP A 250 41.89 24.81 -26.33
CA ASP A 250 43.25 24.96 -25.79
C ASP A 250 43.43 24.05 -24.56
N PHE A 296 47.22 -5.38 -32.47
CA PHE A 296 47.22 -6.07 -33.76
C PHE A 296 46.79 -5.14 -34.88
N ALA A 297 47.28 -5.55 -36.15
CA ALA A 297 47.02 -4.94 -37.44
C ALA A 297 46.08 -5.80 -38.28
N THR A 298 44.82 -5.68 -37.96
CA THR A 298 43.71 -6.36 -38.62
C THR A 298 42.49 -5.48 -38.71
N ARG A 299 42.73 -4.28 -39.29
CA ARG A 299 41.74 -3.22 -39.39
C ARG A 299 41.55 -2.52 -38.05
N ALA A 300 42.25 -3.15 -37.10
CA ALA A 300 42.28 -2.68 -35.72
C ALA A 300 43.43 -1.71 -35.49
N GLU A 301 44.00 -1.29 -36.63
CA GLU A 301 45.12 -0.37 -36.59
C GLU A 301 44.66 1.04 -36.29
N GLU A 302 43.70 1.55 -37.08
CA GLU A 302 43.22 2.90 -36.84
C GLU A 302 42.21 2.93 -35.70
N LYS A 303 41.69 1.77 -35.32
CA LYS A 303 40.76 1.80 -34.20
C LYS A 303 41.49 1.97 -32.88
N ARG A 304 42.82 1.65 -32.86
CA ARG A 304 43.64 1.70 -31.66
C ARG A 304 44.39 3.03 -31.55
N ALA A 305 44.14 4.02 -32.40
CA ALA A 305 44.82 5.29 -32.34
C ALA A 305 43.84 6.45 -32.31
N GLU A 306 42.57 6.19 -32.61
CA GLU A 306 41.52 7.20 -32.61
C GLU A 306 40.76 7.19 -31.29
N ALA A 307 40.97 6.13 -30.51
CA ALA A 307 40.36 5.97 -29.21
C ALA A 307 41.25 6.56 -28.11
N GLU A 308 42.51 6.71 -28.47
CA GLU A 308 43.48 7.39 -27.63
C GLU A 308 43.63 8.86 -28.03
N PRO A 325 48.60 20.96 -17.31
CA PRO A 325 49.27 20.67 -18.59
C PRO A 325 48.38 21.18 -19.74
N GLN A 326 47.25 20.50 -19.93
CA GLN A 326 46.25 20.81 -20.95
C GLN A 326 44.89 20.22 -20.58
N LYS A 327 44.77 19.84 -19.30
CA LYS A 327 43.55 19.23 -18.74
C LYS A 327 42.20 19.66 -19.34
N LYS A 328 41.20 18.79 -19.18
CA LYS A 328 39.87 19.06 -19.69
C LYS A 328 38.82 19.40 -18.62
N PRO A 329 37.67 19.96 -19.05
CA PRO A 329 36.51 20.40 -18.26
C PRO A 329 35.76 19.28 -17.53
N VAL A 330 36.23 18.06 -17.71
CA VAL A 330 35.62 16.89 -17.08
C VAL A 330 35.30 17.14 -15.62
N ILE A 331 36.34 17.03 -14.80
CA ILE A 331 36.27 17.20 -13.35
C ILE A 331 35.08 18.02 -12.84
N LYS A 332 34.64 19.03 -13.60
CA LYS A 332 33.53 19.86 -13.15
C LYS A 332 32.18 19.16 -13.05
N PRO A 333 31.76 18.85 -11.82
CA PRO A 333 30.49 18.19 -11.58
C PRO A 333 29.50 19.32 -11.40
N LEU A 334 28.44 19.31 -12.18
CA LEU A 334 27.45 20.38 -12.09
C LEU A 334 27.15 20.66 -10.63
N THR A 335 26.73 21.88 -10.32
CA THR A 335 26.45 22.22 -8.93
C THR A 335 25.01 22.60 -8.69
N GLU A 336 24.40 23.22 -9.69
CA GLU A 336 23.03 23.66 -9.55
C GLU A 336 22.34 23.65 -10.88
N ASP A 337 21.04 23.88 -10.90
CA ASP A 337 20.38 23.84 -12.18
C ASP A 337 19.50 25.05 -12.40
N SER A 338 19.41 25.44 -13.67
CA SER A 338 18.58 26.57 -14.12
C SER A 338 17.67 27.01 -13.00
N LYS A 339 17.81 28.25 -12.58
CA LYS A 339 17.05 28.79 -11.46
C LYS A 339 17.88 28.44 -10.23
N LYS A 340 19.14 28.13 -10.53
CA LYS A 340 20.18 27.79 -9.55
C LYS A 340 19.69 27.11 -8.27
N ARG A 341 19.38 25.82 -8.37
CA ARG A 341 18.95 25.04 -7.23
C ARG A 341 20.19 24.28 -6.79
N SER A 342 20.60 24.41 -5.52
CA SER A 342 21.79 23.71 -5.04
C SER A 342 21.66 22.20 -5.07
N TYR A 343 22.71 21.51 -5.49
CA TYR A 343 22.65 20.06 -5.49
C TYR A 343 23.36 19.58 -4.25
N ASN A 344 23.58 20.50 -3.33
CA ASN A 344 24.24 20.18 -2.07
C ASN A 344 25.30 19.09 -2.24
N LEU A 345 26.50 19.45 -2.68
CA LEU A 345 27.54 18.44 -2.82
C LEU A 345 28.35 18.45 -1.55
N ILE A 346 28.72 17.26 -1.07
CA ILE A 346 29.48 17.16 0.15
C ILE A 346 30.65 18.15 0.20
N SER A 347 31.64 17.99 -0.68
CA SER A 347 32.79 18.89 -0.75
C SER A 347 32.71 19.64 -2.06
N ASN A 348 33.50 20.70 -2.19
CA ASN A 348 33.57 21.47 -3.44
C ASN A 348 34.39 20.56 -4.36
N ASP A 349 34.83 19.46 -3.75
CA ASP A 349 35.66 18.43 -4.37
C ASP A 349 34.84 17.19 -4.80
N SER A 350 34.52 16.32 -3.84
CA SER A 350 33.78 15.08 -4.09
C SER A 350 32.70 15.13 -5.17
N THR A 351 32.64 14.03 -5.92
CA THR A 351 31.69 13.89 -7.01
C THR A 351 30.30 13.45 -6.53
N PHE A 352 30.16 13.22 -5.24
CA PHE A 352 28.89 12.76 -4.66
C PHE A 352 28.06 13.84 -3.98
N THR A 353 26.76 13.86 -4.28
CA THR A 353 25.87 14.82 -3.67
C THR A 353 25.46 14.27 -2.31
N GLN A 354 24.94 15.14 -1.45
CA GLN A 354 24.51 14.72 -0.12
C GLN A 354 23.25 13.85 -0.18
N TYR A 355 22.52 13.95 -1.27
CA TYR A 355 21.30 13.16 -1.42
C TYR A 355 21.58 11.65 -1.38
N ARG A 356 20.86 10.92 -0.53
CA ARG A 356 21.04 9.46 -0.42
C ARG A 356 19.78 8.67 -0.82
N SER A 357 19.98 7.63 -1.66
CA SER A 357 18.89 6.76 -2.14
C SER A 357 18.87 5.38 -1.51
N TRP A 358 17.67 4.93 -1.18
CA TRP A 358 17.53 3.61 -0.61
C TRP A 358 17.99 2.61 -1.64
N TYR A 359 17.33 2.63 -2.79
CA TYR A 359 17.67 1.72 -3.87
C TYR A 359 19.17 1.59 -4.00
N LEU A 360 19.85 2.73 -4.13
CA LEU A 360 21.29 2.74 -4.25
C LEU A 360 21.95 2.00 -3.11
N ALA A 361 21.55 2.32 -1.89
CA ALA A 361 22.10 1.68 -0.72
C ALA A 361 21.98 0.18 -0.82
N TYR A 362 20.73 -0.29 -0.83
CA TYR A 362 20.42 -1.70 -0.92
C TYR A 362 21.25 -2.43 -1.98
N ASN A 363 21.25 -1.93 -3.21
CA ASN A 363 21.99 -2.56 -4.29
C ASN A 363 23.47 -2.34 -4.41
N TYR A 364 23.94 -1.17 -4.00
CA TYR A 364 25.35 -0.86 -4.16
C TYR A 364 26.25 -0.76 -2.93
N GLY A 365 25.68 -0.45 -1.77
CA GLY A 365 26.53 -0.36 -0.59
C GLY A 365 26.59 -1.62 0.25
N ASP A 366 27.78 -1.95 0.73
CA ASP A 366 28.01 -3.13 1.58
C ASP A 366 26.77 -3.95 1.92
N PRO A 367 26.65 -5.15 1.34
CA PRO A 367 25.49 -5.99 1.61
C PRO A 367 25.43 -6.53 3.05
N GLN A 368 26.58 -6.74 3.67
CA GLN A 368 26.58 -7.27 5.03
C GLN A 368 26.40 -6.23 6.13
N THR A 369 26.39 -4.95 5.74
CA THR A 369 26.25 -3.84 6.69
C THR A 369 25.17 -2.85 6.32
N GLY A 370 25.07 -2.58 5.02
CA GLY A 370 24.09 -1.63 4.52
C GLY A 370 22.65 -1.97 4.84
N ILE A 371 21.74 -1.25 4.21
CA ILE A 371 20.35 -1.51 4.45
C ILE A 371 20.05 -2.88 3.86
N ARG A 372 20.77 -3.28 2.82
CA ARG A 372 20.56 -4.60 2.21
C ARG A 372 20.47 -5.67 3.28
N SER A 373 21.01 -5.36 4.45
CA SER A 373 21.00 -6.28 5.57
C SER A 373 19.66 -6.45 6.29
N TRP A 374 19.18 -5.40 6.95
CA TRP A 374 17.92 -5.45 7.71
C TRP A 374 16.66 -5.16 6.91
N THR A 375 16.78 -4.95 5.61
CA THR A 375 15.59 -4.69 4.82
C THR A 375 15.51 -5.63 3.65
N LEU A 376 14.38 -5.62 2.96
CA LEU A 376 14.19 -6.48 1.80
C LEU A 376 13.50 -5.81 0.63
N LEU A 377 14.13 -5.91 -0.54
CA LEU A 377 13.58 -5.32 -1.76
C LEU A 377 12.60 -6.25 -2.39
N CYS A 378 11.40 -5.74 -2.67
CA CYS A 378 10.37 -6.56 -3.28
C CYS A 378 9.25 -5.82 -4.00
N THR A 379 8.47 -6.59 -4.74
CA THR A 379 7.37 -6.08 -5.53
C THR A 379 6.41 -5.21 -4.75
N PRO A 380 5.93 -4.16 -5.38
CA PRO A 380 4.99 -3.14 -4.90
C PRO A 380 3.66 -3.58 -4.29
N ASP A 381 2.71 -3.97 -5.14
CA ASP A 381 1.36 -4.36 -4.69
C ASP A 381 0.64 -3.10 -4.22
N VAL A 382 -0.32 -2.64 -5.01
CA VAL A 382 -1.01 -1.46 -4.60
C VAL A 382 -1.88 -1.73 -3.38
N THR A 383 -2.59 -2.86 -3.39
CA THR A 383 -3.50 -3.21 -2.30
C THR A 383 -2.94 -2.98 -0.90
N CYS A 384 -1.62 -2.87 -0.83
CA CYS A 384 -0.91 -2.63 0.43
C CYS A 384 -0.80 -3.85 1.33
N GLY A 385 -1.37 -4.96 0.89
CA GLY A 385 -1.29 -6.15 1.71
C GLY A 385 -2.55 -6.99 1.80
N SER A 386 -2.50 -8.16 1.21
CA SER A 386 -3.65 -9.03 1.24
C SER A 386 -4.01 -9.30 2.70
N GLU A 387 -5.13 -8.76 3.16
CA GLU A 387 -5.56 -9.01 4.53
C GLU A 387 -6.80 -9.86 4.45
N GLN A 388 -7.08 -10.63 5.49
CA GLN A 388 -8.27 -11.48 5.46
C GLN A 388 -9.36 -11.02 6.40
N VAL A 389 -10.51 -11.65 6.26
CA VAL A 389 -11.66 -11.35 7.06
C VAL A 389 -12.21 -12.63 7.67
N TYR A 390 -12.98 -12.48 8.72
CA TYR A 390 -13.54 -13.62 9.42
C TYR A 390 -15.06 -13.60 9.52
N TRP A 391 -15.71 -14.67 9.08
CA TRP A 391 -17.15 -14.76 9.18
C TRP A 391 -17.50 -15.27 10.56
N SER A 392 -18.72 -15.03 10.98
CA SER A 392 -19.18 -15.50 12.28
C SER A 392 -20.69 -15.57 12.21
N LEU A 393 -21.27 -16.69 12.62
CA LEU A 393 -22.71 -16.85 12.58
C LEU A 393 -23.16 -17.38 13.92
N PRO A 394 -22.76 -16.70 14.98
CA PRO A 394 -22.99 -16.93 16.40
C PRO A 394 -24.30 -17.56 16.76
N ASP A 395 -25.35 -17.08 16.14
CA ASP A 395 -26.69 -17.54 16.46
C ASP A 395 -27.13 -18.82 15.76
N MET A 396 -26.30 -19.33 14.85
CA MET A 396 -26.66 -20.53 14.08
C MET A 396 -25.63 -21.65 13.97
N MET A 397 -24.42 -21.47 14.46
CA MET A 397 -23.46 -22.53 14.33
C MET A 397 -22.58 -22.71 15.52
N GLN A 398 -22.37 -23.96 15.87
CA GLN A 398 -21.57 -24.28 17.03
C GLN A 398 -20.20 -23.65 16.97
N ASP A 399 -19.81 -23.14 18.12
CA ASP A 399 -18.56 -22.45 18.29
C ASP A 399 -17.33 -23.34 18.26
N PRO A 400 -16.58 -23.30 17.16
CA PRO A 400 -15.36 -24.04 16.87
C PRO A 400 -14.38 -24.21 18.01
N VAL A 401 -13.88 -25.42 18.10
CA VAL A 401 -12.96 -25.84 19.14
C VAL A 401 -12.70 -24.96 20.32
N THR A 402 -11.65 -24.17 20.28
CA THR A 402 -11.35 -23.40 21.47
C THR A 402 -12.07 -22.11 21.70
N PHE A 403 -12.91 -21.71 20.75
CA PHE A 403 -13.61 -20.44 20.90
C PHE A 403 -14.59 -20.41 22.04
N ARG A 404 -14.56 -19.30 22.75
CA ARG A 404 -15.42 -19.09 23.88
C ARG A 404 -16.66 -18.46 23.30
N SER A 405 -17.82 -18.77 23.88
CA SER A 405 -19.08 -18.22 23.41
C SER A 405 -19.33 -16.88 24.09
N THR A 406 -19.68 -15.85 23.33
CA THR A 406 -19.93 -14.54 23.95
C THR A 406 -20.92 -13.69 23.19
N SER A 407 -21.02 -12.43 23.60
CA SER A 407 -21.95 -11.48 22.97
C SER A 407 -21.23 -10.20 22.54
N GLN A 408 -19.94 -10.16 22.79
CA GLN A 408 -19.12 -9.02 22.41
C GLN A 408 -18.81 -9.13 20.92
N ILE A 409 -19.55 -8.40 20.10
CA ILE A 409 -19.36 -8.45 18.65
C ILE A 409 -17.93 -8.61 18.17
N SER A 410 -17.02 -7.93 18.84
CA SER A 410 -15.62 -8.01 18.47
C SER A 410 -14.89 -9.23 19.02
N ASN A 411 -15.62 -10.32 19.26
CA ASN A 411 -14.99 -11.55 19.78
C ASN A 411 -15.81 -12.80 19.50
N PHE A 412 -16.83 -12.65 18.66
CA PHE A 412 -17.67 -13.79 18.31
C PHE A 412 -16.79 -14.93 17.83
N PRO A 413 -17.38 -16.12 17.74
CA PRO A 413 -16.64 -17.28 17.26
C PRO A 413 -16.50 -17.11 15.75
N VAL A 414 -15.48 -17.72 15.18
CA VAL A 414 -15.25 -17.63 13.75
C VAL A 414 -15.49 -18.96 13.07
N VAL A 415 -16.20 -18.93 11.96
CA VAL A 415 -16.49 -20.16 11.28
C VAL A 415 -15.78 -20.24 9.96
N GLY A 416 -15.36 -19.11 9.44
CA GLY A 416 -14.67 -19.14 8.16
C GLY A 416 -13.78 -17.95 7.95
N ALA A 417 -12.64 -18.19 7.32
CA ALA A 417 -11.71 -17.11 7.05
C ALA A 417 -11.59 -16.99 5.56
N GLU A 418 -11.27 -15.81 5.08
CA GLU A 418 -11.16 -15.61 3.67
C GLU A 418 -10.48 -14.29 3.38
N LEU A 419 -9.76 -14.25 2.28
CA LEU A 419 -9.04 -13.05 1.90
C LEU A 419 -9.96 -11.91 1.50
N LEU A 420 -9.72 -10.71 2.01
CA LEU A 420 -10.56 -9.56 1.66
C LEU A 420 -10.45 -9.30 0.16
N PRO A 421 -11.53 -9.52 -0.59
CA PRO A 421 -11.78 -9.40 -2.03
C PRO A 421 -11.09 -8.30 -2.82
N VAL A 422 -9.76 -8.26 -2.81
CA VAL A 422 -9.08 -7.21 -3.54
C VAL A 422 -7.86 -7.72 -4.25
N HIS A 423 -7.78 -7.46 -5.54
CA HIS A 423 -6.65 -7.90 -6.35
C HIS A 423 -6.04 -6.70 -7.05
N SER A 424 -4.89 -6.92 -7.67
CA SER A 424 -4.22 -5.83 -8.37
C SER A 424 -4.06 -6.13 -9.85
N LYS A 425 -4.80 -5.40 -10.68
CA LYS A 425 -4.74 -5.56 -12.13
C LYS A 425 -3.55 -4.75 -12.62
N SER A 426 -2.89 -5.25 -13.66
CA SER A 426 -1.73 -4.56 -14.23
C SER A 426 -2.00 -4.14 -15.65
N PHE A 427 -1.50 -2.96 -16.03
CA PHE A 427 -1.68 -2.45 -17.38
C PHE A 427 -0.40 -1.89 -17.95
N TYR A 428 -0.28 -1.91 -19.27
CA TYR A 428 0.90 -1.40 -19.92
C TYR A 428 0.85 0.10 -20.13
N ASN A 429 1.89 0.79 -19.70
CA ASN A 429 1.93 2.24 -19.76
C ASN A 429 2.57 2.86 -21.00
N ASP A 430 1.76 3.48 -21.84
CA ASP A 430 2.28 4.15 -23.04
C ASP A 430 2.72 5.53 -22.59
N GLN A 431 1.94 6.09 -21.66
CA GLN A 431 2.19 7.40 -21.08
C GLN A 431 3.59 7.48 -20.43
N ALA A 432 4.36 6.41 -20.59
CA ALA A 432 5.71 6.36 -20.03
C ALA A 432 6.56 7.46 -20.63
N VAL A 433 6.70 7.42 -21.95
CA VAL A 433 7.51 8.38 -22.67
C VAL A 433 6.74 9.59 -23.20
N TYR A 434 5.51 9.38 -23.63
CA TYR A 434 4.70 10.47 -24.16
C TYR A 434 4.97 11.78 -23.41
N SER A 435 5.21 11.70 -22.10
CA SER A 435 5.47 12.89 -21.28
C SER A 435 6.87 13.47 -21.40
N GLN A 436 7.80 12.68 -21.92
CA GLN A 436 9.17 13.15 -22.10
C GLN A 436 9.22 14.02 -23.35
N LEU A 437 8.13 14.02 -24.11
CA LEU A 437 8.03 14.79 -25.33
C LEU A 437 6.94 15.84 -25.22
N ILE A 438 6.88 16.50 -24.07
CA ILE A 438 5.91 17.57 -23.81
C ILE A 438 6.47 18.57 -22.80
N ARG A 439 7.38 18.12 -21.96
CA ARG A 439 8.01 19.01 -20.98
C ARG A 439 9.36 19.42 -21.52
N GLN A 440 9.67 18.86 -22.68
CA GLN A 440 10.87 19.16 -23.42
C GLN A 440 10.47 20.32 -24.34
N PHE A 441 9.15 20.45 -24.46
CA PHE A 441 8.50 21.50 -25.23
C PHE A 441 7.72 22.27 -24.15
N THR A 442 8.44 23.14 -23.43
CA THR A 442 7.91 23.92 -22.29
C THR A 442 6.42 24.34 -22.29
N SER A 443 5.78 24.23 -21.13
CA SER A 443 4.39 24.61 -20.90
C SER A 443 4.14 24.44 -19.40
N LEU A 444 2.97 24.87 -18.95
CA LEU A 444 2.56 24.79 -17.55
C LEU A 444 3.08 23.57 -16.76
N THR A 445 2.84 23.58 -15.45
CA THR A 445 3.29 22.49 -14.60
C THR A 445 2.19 22.01 -13.65
N HIS A 446 2.36 20.78 -13.18
CA HIS A 446 1.43 20.19 -12.24
C HIS A 446 1.94 20.39 -10.85
N VAL A 447 1.04 20.23 -9.91
CA VAL A 447 1.40 20.37 -8.53
C VAL A 447 2.42 19.29 -8.21
N PHE A 448 2.71 18.47 -9.22
CA PHE A 448 3.63 17.35 -9.11
C PHE A 448 5.05 17.65 -9.57
N ASN A 449 5.19 18.47 -10.60
CA ASN A 449 6.53 18.77 -11.06
C ASN A 449 6.92 20.18 -10.74
N ARG A 450 6.88 20.55 -9.47
CA ARG A 450 7.20 21.92 -9.12
C ARG A 450 8.68 22.26 -9.24
N PHE A 451 9.48 21.33 -9.76
CA PHE A 451 10.90 21.59 -9.88
C PHE A 451 11.44 20.91 -11.12
N PRO A 452 10.74 21.06 -12.25
CA PRO A 452 11.05 20.49 -13.56
C PRO A 452 12.54 20.47 -13.85
N GLU A 453 13.14 21.63 -13.68
CA GLU A 453 14.55 21.79 -13.95
C GLU A 453 15.38 21.38 -12.75
N ASN A 454 15.25 20.15 -12.28
CA ASN A 454 16.08 19.79 -11.14
C ASN A 454 16.76 18.45 -11.18
N GLN A 455 16.34 17.58 -12.08
CA GLN A 455 16.99 16.28 -12.16
C GLN A 455 16.94 15.46 -10.88
N ILE A 456 16.38 16.04 -9.82
CA ILE A 456 16.27 15.30 -8.59
C ILE A 456 14.93 15.53 -7.94
N LEU A 457 14.56 16.78 -7.72
CA LEU A 457 13.25 17.05 -7.15
C LEU A 457 12.27 17.03 -8.31
N ALA A 458 12.73 16.53 -9.46
CA ALA A 458 11.90 16.45 -10.66
C ALA A 458 10.65 15.66 -10.33
N ARG A 459 10.19 14.87 -11.29
CA ARG A 459 9.02 14.05 -11.05
C ARG A 459 9.41 12.64 -11.43
N PRO A 460 9.39 11.72 -10.46
CA PRO A 460 9.75 10.34 -10.76
C PRO A 460 9.09 9.88 -12.05
N PRO A 461 9.85 9.17 -12.88
CA PRO A 461 9.40 8.64 -14.16
C PRO A 461 8.28 7.64 -13.95
N ALA A 462 7.27 7.70 -14.80
CA ALA A 462 6.15 6.77 -14.71
C ALA A 462 6.61 5.39 -15.15
N PRO A 463 6.44 4.38 -14.30
CA PRO A 463 6.88 3.06 -14.72
C PRO A 463 5.93 2.49 -15.76
N THR A 464 6.47 1.71 -16.68
CA THR A 464 5.64 1.04 -17.68
C THR A 464 4.98 -0.02 -16.81
N ILE A 465 3.71 -0.34 -17.04
CA ILE A 465 3.05 -1.37 -16.24
C ILE A 465 2.68 -0.86 -14.85
N THR A 466 1.54 -0.18 -14.75
CA THR A 466 1.09 0.32 -13.47
C THR A 466 0.11 -0.69 -12.95
N THR A 467 -0.11 -0.67 -11.65
CA THR A 467 -1.06 -1.58 -11.06
C THR A 467 -2.16 -0.76 -10.42
N VAL A 468 -3.33 -1.35 -10.26
CA VAL A 468 -4.44 -0.63 -9.67
C VAL A 468 -5.28 -1.55 -8.81
N SER A 469 -5.53 -1.15 -7.57
CA SER A 469 -6.33 -1.97 -6.68
C SER A 469 -7.70 -2.11 -7.31
N GLU A 470 -8.18 -3.34 -7.41
CA GLU A 470 -9.50 -3.57 -7.98
C GLU A 470 -10.33 -4.47 -7.08
N ASN A 471 -11.58 -4.08 -6.86
CA ASN A 471 -12.48 -4.87 -6.02
C ASN A 471 -13.19 -5.92 -6.85
N VAL A 472 -13.40 -7.10 -6.29
CA VAL A 472 -14.04 -8.15 -7.06
C VAL A 472 -14.91 -9.05 -6.20
N PRO A 473 -16.04 -9.52 -6.74
CA PRO A 473 -16.93 -10.40 -5.97
C PRO A 473 -16.21 -11.70 -5.72
N ALA A 474 -16.33 -12.20 -4.50
CA ALA A 474 -15.68 -13.44 -4.14
C ALA A 474 -16.67 -14.52 -3.78
N LEU A 475 -16.90 -15.42 -4.73
CA LEU A 475 -17.80 -16.53 -4.52
C LEU A 475 -16.96 -17.58 -3.87
N THR A 476 -16.79 -17.44 -2.56
CA THR A 476 -16.00 -18.36 -1.78
C THR A 476 -16.82 -19.53 -1.27
N ASP A 477 -16.18 -20.43 -0.54
CA ASP A 477 -16.85 -21.60 0.00
C ASP A 477 -16.10 -22.16 1.20
N HIS A 478 -16.67 -21.97 2.38
CA HIS A 478 -16.05 -22.47 3.59
C HIS A 478 -16.49 -23.91 3.70
N GLY A 479 -15.87 -24.68 4.57
CA GLY A 479 -16.24 -26.07 4.65
C GLY A 479 -17.67 -26.40 5.05
N THR A 480 -17.81 -27.50 5.75
CA THR A 480 -19.10 -27.95 6.26
C THR A 480 -18.90 -27.87 7.77
N LEU A 481 -19.77 -27.13 8.45
CA LEU A 481 -19.66 -26.92 9.89
C LEU A 481 -20.76 -27.51 10.72
N PRO A 482 -20.47 -27.75 12.00
CA PRO A 482 -21.45 -28.34 12.91
C PRO A 482 -22.37 -27.20 13.33
N LEU A 483 -23.67 -27.46 13.42
CA LEU A 483 -24.60 -26.40 13.84
C LEU A 483 -25.60 -26.85 14.89
N ARG A 484 -26.24 -25.88 15.55
CA ARG A 484 -27.23 -26.16 16.59
C ARG A 484 -28.44 -26.77 15.95
N ASN A 485 -29.27 -27.49 16.70
CA ASN A 485 -30.44 -28.12 16.11
C ASN A 485 -31.70 -27.31 16.33
N SER A 486 -31.52 -26.07 16.74
CA SER A 486 -32.64 -25.19 16.99
C SER A 486 -32.20 -23.85 16.46
N ILE A 487 -32.34 -23.68 15.16
CA ILE A 487 -31.94 -22.46 14.53
C ILE A 487 -32.99 -21.37 14.71
N GLY A 488 -32.56 -20.29 15.36
CA GLY A 488 -33.45 -19.18 15.66
C GLY A 488 -34.03 -18.46 14.47
N GLY A 489 -35.25 -17.96 14.62
CA GLY A 489 -35.88 -17.25 13.54
C GLY A 489 -35.02 -16.13 13.00
N VAL A 490 -34.23 -15.50 13.85
CA VAL A 490 -33.38 -14.40 13.39
C VAL A 490 -31.93 -14.65 13.71
N GLN A 491 -31.15 -14.77 12.65
CA GLN A 491 -29.73 -15.03 12.73
C GLN A 491 -28.96 -13.75 12.61
N ARG A 492 -27.73 -13.76 13.09
CA ARG A 492 -26.90 -12.58 13.02
C ARG A 492 -25.65 -12.91 12.23
N VAL A 493 -25.38 -12.12 11.21
CA VAL A 493 -24.21 -12.33 10.38
C VAL A 493 -23.19 -11.29 10.75
N THR A 494 -21.91 -11.63 10.67
CA THR A 494 -20.87 -10.68 11.03
C THR A 494 -19.52 -10.94 10.41
N ILE A 495 -19.07 -9.99 9.59
CA ILE A 495 -17.78 -10.11 8.96
C ILE A 495 -16.80 -9.23 9.72
N THR A 496 -15.63 -9.77 10.01
CA THR A 496 -14.64 -9.04 10.77
C THR A 496 -13.29 -9.07 10.09
N ASP A 497 -12.43 -8.14 10.44
CA ASP A 497 -11.11 -8.09 9.83
C ASP A 497 -10.07 -8.58 10.80
N ALA A 498 -8.85 -8.69 10.31
CA ALA A 498 -7.74 -9.17 11.11
C ALA A 498 -7.71 -8.59 12.53
N ARG A 499 -7.96 -7.29 12.65
CA ARG A 499 -7.93 -6.60 13.94
C ARG A 499 -9.21 -6.80 14.72
N ARG A 500 -10.23 -7.33 14.06
CA ARG A 500 -11.52 -7.59 14.68
C ARG A 500 -12.37 -6.37 14.86
N ARG A 501 -13.03 -6.01 13.78
CA ARG A 501 -13.92 -4.87 13.76
C ARG A 501 -14.68 -4.99 12.46
N THR A 502 -15.88 -4.43 12.41
CA THR A 502 -16.68 -4.52 11.19
C THR A 502 -15.86 -3.85 10.09
N CYS A 503 -16.24 -4.04 8.84
CA CYS A 503 -15.51 -3.45 7.73
C CYS A 503 -16.45 -2.67 6.83
N PRO A 504 -16.49 -1.36 7.03
CA PRO A 504 -17.33 -0.40 6.30
C PRO A 504 -17.44 -0.64 4.81
N TYR A 505 -16.35 -1.10 4.20
CA TYR A 505 -16.34 -1.32 2.76
C TYR A 505 -16.98 -2.60 2.22
N VAL A 506 -18.02 -3.07 2.90
CA VAL A 506 -18.71 -4.27 2.44
C VAL A 506 -20.05 -3.92 1.83
N TYR A 507 -20.20 -4.19 0.54
CA TYR A 507 -21.46 -3.90 -0.17
C TYR A 507 -22.42 -5.07 -0.08
N LYS A 508 -21.91 -6.29 -0.12
CA LYS A 508 -22.82 -7.41 -0.03
C LYS A 508 -22.27 -8.69 0.54
N ALA A 509 -23.01 -9.25 1.49
CA ALA A 509 -22.65 -10.49 2.15
C ALA A 509 -23.83 -11.40 1.89
N LEU A 510 -23.57 -12.65 1.54
CA LEU A 510 -24.64 -13.60 1.28
C LEU A 510 -24.28 -14.97 1.74
N GLY A 511 -25.16 -15.61 2.49
CA GLY A 511 -24.81 -16.93 2.96
C GLY A 511 -25.82 -18.00 2.65
N ILE A 512 -25.34 -19.16 2.23
CA ILE A 512 -26.23 -20.27 1.97
C ILE A 512 -25.79 -21.46 2.81
N VAL A 513 -26.70 -22.01 3.60
CA VAL A 513 -26.32 -23.14 4.42
C VAL A 513 -27.15 -24.34 4.08
N SER A 514 -26.48 -25.50 4.01
CA SER A 514 -27.13 -26.75 3.65
C SER A 514 -26.91 -27.77 4.74
N PRO A 515 -27.77 -27.79 5.77
CA PRO A 515 -27.56 -28.77 6.82
C PRO A 515 -27.73 -30.19 6.33
N ARG A 516 -27.06 -31.13 6.98
CA ARG A 516 -27.14 -32.54 6.64
C ARG A 516 -26.60 -33.32 7.83
N VAL A 517 -27.23 -34.45 8.14
CA VAL A 517 -26.85 -35.27 9.28
C VAL A 517 -25.40 -35.74 9.27
N LEU A 518 -24.77 -35.75 10.43
CA LEU A 518 -23.38 -36.11 10.59
C LEU A 518 -23.09 -37.33 11.43
N SER A 519 -23.88 -37.51 12.48
CA SER A 519 -23.71 -38.65 13.38
C SER A 519 -24.95 -38.79 14.23
N SER A 520 -24.88 -39.59 15.29
CA SER A 520 -26.07 -39.75 16.12
C SER A 520 -25.86 -39.56 17.60
N ARG A 521 -26.91 -39.10 18.28
CA ARG A 521 -26.85 -38.84 19.71
C ARG A 521 -27.53 -39.96 20.48
#